data_6UZP
#
_entry.id   6UZP
#
_cell.length_a   50.957
_cell.length_b   81.674
_cell.length_c   109.611
_cell.angle_alpha   90.000
_cell.angle_beta   90.000
_cell.angle_gamma   90.000
#
_symmetry.space_group_name_H-M   'P 21 21 21'
#
loop_
_entity.id
_entity.type
_entity.pdbx_description
1 polymer 'MHC class I antigen'
2 polymer Beta-2-microglobulin
3 polymer 'Synthetic peptide HIS-LEU-ALA-SER-SER-GLY-HIS-SER-LEU'
4 non-polymer GLYCEROL
5 non-polymer 1,2-ETHANEDIOL
6 non-polymer 'ACETATE ION'
7 non-polymer 'SODIUM ION'
8 water water
#
loop_
_entity_poly.entity_id
_entity_poly.type
_entity_poly.pdbx_seq_one_letter_code
_entity_poly.pdbx_strand_id
1 'polypeptide(L)'
;GSHSMRYFYTAMSRPGRGEPRFIAVGYVDDTQFVRFDSDAASPRMAPRAPWIEQEGPEYWDRETQISKTNTQTYRESLRN
LRGYYNQSEAGSHTLQRMYGCDVGPDGRLLRGHDQSAYDGKDYIALNEDLSSWTAADTAAQITQRKWEAAREAEQWRAYL
EGLCVEWLRRYLENGKETLQRADPPKTHVTHHPISDHEATLRCWALGFYPAEITLTWQRDGEDQTQDTELVETRPAGDRT
FQKWAAVVVPSGEEQRYTCHVQHEGLPKPLTLRWEP
;
A
2 'polypeptide(L)'
;MIQRTPKIQVYSRHPAENGKSNFLNCYVSGFHPSDIEVDLLKNGERIEKVEHSDLSFSKDWSFYLLYYTEFTPTEKDEYA
CRVNHVTLSQPKIVKWDRDM
;
B
3 'polypeptide(L)' HLASSGHSL C
#
# COMPACT_ATOMS: atom_id res chain seq x y z
N GLY A 1 -11.82 -16.22 -6.02
CA GLY A 1 -11.03 -15.76 -7.15
C GLY A 1 -11.51 -14.46 -7.78
N SER A 2 -11.83 -13.47 -6.96
CA SER A 2 -12.16 -12.14 -7.48
C SER A 2 -10.88 -11.33 -7.68
N HIS A 3 -10.98 -10.28 -8.50
CA HIS A 3 -9.79 -9.50 -8.82
C HIS A 3 -10.15 -8.04 -8.97
N SER A 4 -9.12 -7.19 -8.87
CA SER A 4 -9.31 -5.76 -9.02
C SER A 4 -8.12 -5.15 -9.74
N MET A 5 -8.40 -4.04 -10.42
CA MET A 5 -7.37 -3.15 -10.96
C MET A 5 -7.56 -1.78 -10.33
N ARG A 6 -6.47 -1.18 -9.85
CA ARG A 6 -6.54 0.11 -9.19
C ARG A 6 -5.37 0.97 -9.58
N TYR A 7 -5.64 2.24 -9.81
CA TYR A 7 -4.61 3.23 -10.04
C TYR A 7 -4.60 4.22 -8.89
N PHE A 8 -3.40 4.60 -8.44
CA PHE A 8 -3.23 5.53 -7.33
C PHE A 8 -2.45 6.75 -7.80
N TYR A 9 -3.08 7.93 -7.73
CA TYR A 9 -2.48 9.20 -8.13
C TYR A 9 -2.17 10.02 -6.89
N THR A 10 -0.97 10.58 -6.82
CA THR A 10 -0.62 11.54 -5.78
C THR A 10 0.00 12.77 -6.43
N ALA A 11 -0.50 13.93 -6.05
CA ALA A 11 0.03 15.20 -6.52
C ALA A 11 0.25 16.08 -5.30
N MET A 12 1.43 16.69 -5.21
CA MET A 12 1.78 17.45 -4.02
C MET A 12 2.48 18.73 -4.40
N SER A 13 1.98 19.84 -3.90
CA SER A 13 2.57 21.13 -4.15
C SER A 13 3.70 21.36 -3.14
N ARG A 14 4.64 22.24 -3.52
CA ARG A 14 5.86 22.50 -2.74
C ARG A 14 6.35 23.89 -3.09
N PRO A 15 5.67 24.95 -2.62
CA PRO A 15 6.00 26.30 -3.12
C PRO A 15 7.44 26.68 -2.78
N GLY A 16 8.08 27.35 -3.73
CA GLY A 16 9.49 27.63 -3.64
C GLY A 16 10.39 26.50 -4.11
N ARG A 17 9.87 25.29 -4.29
CA ARG A 17 10.68 24.16 -4.71
C ARG A 17 10.14 23.54 -5.99
N GLY A 18 9.66 24.39 -6.91
CA GLY A 18 9.17 23.90 -8.19
C GLY A 18 7.68 23.63 -8.21
N GLU A 19 7.22 23.13 -9.35
CA GLU A 19 5.83 22.81 -9.59
C GLU A 19 5.45 21.49 -8.92
N PRO A 20 4.16 21.29 -8.62
CA PRO A 20 3.75 20.09 -7.87
C PRO A 20 4.17 18.78 -8.56
N ARG A 21 4.75 17.87 -7.76
CA ARG A 21 5.08 16.54 -8.24
C ARG A 21 3.81 15.73 -8.51
N PHE A 22 3.82 14.92 -9.58
CA PHE A 22 2.71 14.02 -9.88
C PHE A 22 3.24 12.59 -9.98
N ILE A 23 2.67 11.68 -9.19
CA ILE A 23 3.04 10.26 -9.19
C ILE A 23 1.81 9.39 -9.45
N ALA A 24 1.97 8.38 -10.30
CA ALA A 24 0.91 7.44 -10.63
C ALA A 24 1.47 6.02 -10.57
N VAL A 25 0.79 5.13 -9.85
CA VAL A 25 1.14 3.72 -9.82
C VAL A 25 -0.13 2.90 -10.07
N GLY A 26 0.03 1.78 -10.77
CA GLY A 26 -1.08 0.88 -11.06
C GLY A 26 -0.90 -0.46 -10.38
N TYR A 27 -2.00 -1.05 -9.89
CA TYR A 27 -1.98 -2.37 -9.28
C TYR A 27 -3.03 -3.27 -9.92
N VAL A 28 -2.70 -4.57 -9.96
CA VAL A 28 -3.69 -5.64 -10.10
C VAL A 28 -3.61 -6.45 -8.80
N ASP A 29 -4.72 -6.52 -8.07
CA ASP A 29 -4.74 -7.09 -6.72
C ASP A 29 -3.59 -6.43 -5.94
N ASP A 30 -2.69 -7.19 -5.31
CA ASP A 30 -1.58 -6.65 -4.55
C ASP A 30 -0.27 -6.66 -5.31
N THR A 31 -0.34 -6.63 -6.64
CA THR A 31 0.83 -6.66 -7.51
C THR A 31 0.93 -5.34 -8.25
N GLN A 32 1.96 -4.53 -7.93
CA GLN A 32 2.19 -3.32 -8.71
C GLN A 32 2.69 -3.67 -10.11
N PHE A 33 2.19 -2.97 -11.14
CA PHE A 33 2.65 -3.30 -12.49
C PHE A 33 3.10 -2.13 -13.36
N VAL A 34 2.78 -0.87 -13.01
CA VAL A 34 3.32 0.32 -13.70
C VAL A 34 3.59 1.43 -12.71
N ARG A 35 4.41 2.41 -13.14
CA ARG A 35 4.65 3.61 -12.36
C ARG A 35 5.01 4.77 -13.28
N PHE A 36 4.78 5.99 -12.78
CA PHE A 36 5.12 7.25 -13.45
C PHE A 36 5.44 8.27 -12.38
N ASP A 37 6.50 9.06 -12.61
CA ASP A 37 6.93 10.09 -11.66
C ASP A 37 7.33 11.33 -12.43
N SER A 38 6.62 12.43 -12.22
CA SER A 38 6.91 13.62 -13.01
C SER A 38 8.27 14.23 -12.69
N ASP A 39 8.93 13.79 -11.62
CA ASP A 39 10.25 14.29 -11.26
C ASP A 39 11.40 13.52 -11.90
N ALA A 40 11.11 12.42 -12.61
CA ALA A 40 12.14 11.69 -13.32
C ALA A 40 12.78 12.56 -14.38
N ALA A 41 14.06 12.27 -14.67
CA ALA A 41 14.79 13.03 -15.68
C ALA A 41 14.06 13.01 -17.01
N SER A 42 13.61 11.82 -17.43
CA SER A 42 12.76 11.63 -18.62
C SER A 42 11.50 10.91 -18.16
N PRO A 43 10.43 11.63 -17.82
CA PRO A 43 9.23 10.97 -17.27
C PRO A 43 8.53 10.11 -18.31
N ARG A 44 8.32 8.84 -17.97
CA ARG A 44 7.62 7.86 -18.80
C ARG A 44 6.85 6.90 -17.89
N MET A 45 5.74 6.39 -18.38
CA MET A 45 5.13 5.24 -17.72
C MET A 45 6.03 4.03 -17.91
N ALA A 46 6.41 3.38 -16.82
CA ALA A 46 7.40 2.31 -16.86
C ALA A 46 6.86 1.00 -16.26
N PRO A 47 7.34 -0.15 -16.75
CA PRO A 47 6.85 -1.43 -16.24
C PRO A 47 7.38 -1.75 -14.86
N ARG A 48 6.55 -2.43 -14.05
CA ARG A 48 7.00 -2.88 -12.74
C ARG A 48 6.68 -4.35 -12.48
N ALA A 49 6.16 -5.09 -13.47
CA ALA A 49 5.96 -6.52 -13.40
C ALA A 49 6.29 -7.15 -14.76
N PRO A 50 6.82 -8.37 -14.78
CA PRO A 50 7.23 -8.97 -16.07
C PRO A 50 6.11 -9.06 -17.10
N TRP A 51 4.88 -9.39 -16.67
CA TRP A 51 3.83 -9.65 -17.64
C TRP A 51 3.31 -8.40 -18.34
N ILE A 52 3.69 -7.18 -17.92
CA ILE A 52 3.29 -5.99 -18.65
C ILE A 52 4.30 -5.62 -19.73
N GLU A 53 5.53 -6.15 -19.65
CA GLU A 53 6.60 -5.73 -20.54
C GLU A 53 6.26 -6.03 -21.99
N GLN A 54 5.44 -7.06 -22.24
CA GLN A 54 5.15 -7.47 -23.59
C GLN A 54 4.28 -6.46 -24.33
N GLU A 55 3.63 -5.52 -23.63
CA GLU A 55 2.83 -4.52 -24.33
C GLU A 55 3.72 -3.67 -25.24
N GLY A 56 3.17 -3.30 -26.40
CA GLY A 56 3.94 -2.63 -27.43
C GLY A 56 4.04 -1.13 -27.26
N PRO A 57 4.84 -0.48 -28.11
CA PRO A 57 5.15 0.95 -27.90
C PRO A 57 3.91 1.84 -27.84
N GLU A 58 2.87 1.52 -28.60
CA GLU A 58 1.69 2.37 -28.60
C GLU A 58 0.99 2.36 -27.24
N TYR A 59 1.10 1.26 -26.49
CA TYR A 59 0.64 1.23 -25.10
C TYR A 59 1.43 2.21 -24.24
N TRP A 60 2.76 2.04 -24.21
CA TRP A 60 3.61 2.89 -23.36
C TRP A 60 3.52 4.36 -23.76
N ASP A 61 3.34 4.65 -25.04
CA ASP A 61 3.15 6.04 -25.44
C ASP A 61 1.82 6.58 -24.93
N ARG A 62 0.75 5.79 -25.04
CA ARG A 62 -0.55 6.27 -24.57
C ARG A 62 -0.53 6.57 -23.07
N GLU A 63 0.02 5.66 -22.28
CA GLU A 63 0.03 5.82 -20.83
C GLU A 63 0.96 6.96 -20.40
N THR A 64 2.06 7.16 -21.12
CA THR A 64 2.95 8.28 -20.85
C THR A 64 2.25 9.60 -21.16
N GLN A 65 1.59 9.69 -22.31
CA GLN A 65 0.93 10.95 -22.67
C GLN A 65 -0.18 11.30 -21.68
N ILE A 66 -1.03 10.32 -21.32
CA ILE A 66 -2.06 10.58 -20.34
C ILE A 66 -1.45 11.12 -19.04
N SER A 67 -0.34 10.51 -18.61
CA SER A 67 0.27 10.87 -17.34
C SER A 67 0.94 12.23 -17.41
N LYS A 68 1.55 12.56 -18.54
CA LYS A 68 2.11 13.90 -18.72
C LYS A 68 1.01 14.96 -18.72
N THR A 69 -0.11 14.69 -19.40
CA THR A 69 -1.28 15.56 -19.32
C THR A 69 -1.76 15.70 -17.88
N ASN A 70 -1.91 14.57 -17.19
CA ASN A 70 -2.40 14.61 -15.81
C ASN A 70 -1.49 15.44 -14.90
N THR A 71 -0.17 15.34 -15.11
CA THR A 71 0.76 16.20 -14.36
C THR A 71 0.33 17.66 -14.42
N GLN A 72 -0.06 18.14 -15.62
CA GLN A 72 -0.51 19.53 -15.75
C GLN A 72 -1.91 19.72 -15.19
N THR A 73 -2.82 18.78 -15.43
CA THR A 73 -4.18 18.96 -14.92
C THR A 73 -4.22 18.95 -13.41
N TYR A 74 -3.44 18.06 -12.77
CA TYR A 74 -3.41 18.05 -11.30
C TYR A 74 -2.77 19.31 -10.73
N ARG A 75 -1.91 19.98 -11.49
CA ARG A 75 -1.41 21.27 -11.03
C ARG A 75 -2.51 22.32 -11.05
N GLU A 76 -3.32 22.36 -12.12
CA GLU A 76 -4.52 23.21 -12.14
C GLU A 76 -5.46 22.85 -10.99
N SER A 77 -5.70 21.55 -10.75
CA SER A 77 -6.62 21.16 -9.68
C SER A 77 -6.11 21.63 -8.32
N LEU A 78 -4.80 21.54 -8.09
CA LEU A 78 -4.25 22.00 -6.81
C LEU A 78 -4.41 23.52 -6.65
N ARG A 79 -4.16 24.29 -7.71
CA ARG A 79 -4.46 25.73 -7.67
C ARG A 79 -5.93 25.99 -7.34
N ASN A 80 -6.84 25.25 -8.00
CA ASN A 80 -8.27 25.45 -7.77
C ASN A 80 -8.63 25.18 -6.31
N LEU A 81 -8.14 24.06 -5.78
CA LEU A 81 -8.48 23.66 -4.41
C LEU A 81 -7.95 24.65 -3.38
N ARG A 82 -6.72 25.13 -3.58
CA ARG A 82 -6.21 26.21 -2.73
C ARG A 82 -7.19 27.39 -2.70
N GLY A 83 -7.68 27.78 -3.87
CA GLY A 83 -8.70 28.83 -3.93
C GLY A 83 -9.98 28.45 -3.20
N TYR A 84 -10.49 27.23 -3.45
CA TYR A 84 -11.75 26.81 -2.83
C TYR A 84 -11.70 26.90 -1.31
N TYR A 85 -10.53 26.71 -0.72
CA TYR A 85 -10.39 26.75 0.74
C TYR A 85 -9.74 28.04 1.23
N ASN A 86 -9.53 29.03 0.36
CA ASN A 86 -8.95 30.32 0.77
C ASN A 86 -7.61 30.12 1.48
N GLN A 87 -6.78 29.25 0.92
CA GLN A 87 -5.51 28.91 1.54
C GLN A 87 -4.38 29.76 0.96
N SER A 88 -3.33 29.96 1.75
CA SER A 88 -2.24 30.79 1.25
C SER A 88 -1.40 30.03 0.23
N GLU A 89 -0.72 30.79 -0.62
CA GLU A 89 0.20 30.17 -1.55
C GLU A 89 1.47 29.67 -0.89
N ALA A 90 1.64 29.86 0.42
CA ALA A 90 2.88 29.46 1.07
C ALA A 90 2.89 27.98 1.46
N GLY A 91 1.71 27.35 1.66
CA GLY A 91 1.65 26.02 2.22
C GLY A 91 1.68 24.90 1.20
N SER A 92 2.12 23.72 1.66
CA SER A 92 2.12 22.51 0.84
C SER A 92 0.79 21.78 0.98
N HIS A 93 0.30 21.22 -0.13
CA HIS A 93 -0.92 20.42 -0.08
C HIS A 93 -0.81 19.18 -0.94
N THR A 94 -1.66 18.19 -0.62
CA THR A 94 -1.70 16.91 -1.29
C THR A 94 -3.09 16.67 -1.88
N LEU A 95 -3.11 16.24 -3.14
CA LEU A 95 -4.31 15.72 -3.80
C LEU A 95 -4.04 14.27 -4.17
N GLN A 96 -4.96 13.40 -3.78
CA GLN A 96 -4.87 11.97 -4.08
C GLN A 96 -6.10 11.52 -4.85
N ARG A 97 -5.91 10.58 -5.75
CA ARG A 97 -7.02 9.94 -6.43
C ARG A 97 -6.78 8.44 -6.53
N MET A 98 -7.82 7.65 -6.34
CA MET A 98 -7.74 6.22 -6.62
C MET A 98 -9.02 5.77 -7.30
N TYR A 99 -8.86 4.97 -8.36
CA TYR A 99 -9.98 4.52 -9.15
C TYR A 99 -9.67 3.14 -9.69
N GLY A 100 -10.72 2.42 -10.08
CA GLY A 100 -10.51 1.11 -10.66
C GLY A 100 -11.79 0.28 -10.65
N CYS A 101 -11.63 -0.98 -10.99
CA CYS A 101 -12.76 -1.87 -11.18
C CYS A 101 -12.49 -3.19 -10.45
N ASP A 102 -13.55 -3.77 -9.92
CA ASP A 102 -13.52 -5.11 -9.34
C ASP A 102 -14.35 -6.05 -10.20
N VAL A 103 -13.84 -7.26 -10.42
CA VAL A 103 -14.57 -8.29 -11.16
C VAL A 103 -14.56 -9.58 -10.36
N GLY A 104 -15.56 -10.42 -10.65
CA GLY A 104 -15.69 -11.69 -9.99
C GLY A 104 -14.99 -12.78 -10.78
N PRO A 105 -15.16 -14.03 -10.35
CA PRO A 105 -14.49 -15.15 -11.04
C PRO A 105 -14.81 -15.25 -12.51
N ASP A 106 -15.99 -14.80 -12.93
CA ASP A 106 -16.39 -14.84 -14.32
C ASP A 106 -15.93 -13.62 -15.11
N GLY A 107 -15.26 -12.67 -14.46
CA GLY A 107 -14.77 -11.47 -15.12
C GLY A 107 -15.78 -10.35 -15.27
N ARG A 108 -17.01 -10.52 -14.76
CA ARG A 108 -18.01 -9.46 -14.86
C ARG A 108 -17.76 -8.37 -13.81
N LEU A 109 -18.12 -7.15 -14.16
CA LEU A 109 -17.90 -6.02 -13.26
C LEU A 109 -18.73 -6.18 -11.99
N LEU A 110 -18.05 -6.20 -10.85
CA LEU A 110 -18.76 -6.24 -9.57
C LEU A 110 -19.10 -4.84 -9.09
N ARG A 111 -18.13 -3.92 -9.16
CA ARG A 111 -18.39 -2.51 -8.96
C ARG A 111 -17.15 -1.73 -9.36
N GLY A 112 -17.37 -0.46 -9.70
CA GLY A 112 -16.30 0.46 -10.02
C GLY A 112 -16.11 1.47 -8.91
N HIS A 113 -15.00 2.21 -9.02
CA HIS A 113 -14.52 3.13 -7.98
C HIS A 113 -13.87 4.35 -8.61
N ASP A 114 -14.15 5.53 -8.04
CA ASP A 114 -13.32 6.71 -8.29
C ASP A 114 -13.47 7.67 -7.12
N GLN A 115 -12.39 7.85 -6.35
CA GLN A 115 -12.41 8.69 -5.17
C GLN A 115 -11.23 9.65 -5.16
N SER A 116 -11.46 10.82 -4.55
CA SER A 116 -10.46 11.87 -4.45
C SER A 116 -10.39 12.36 -3.02
N ALA A 117 -9.18 12.73 -2.60
CA ALA A 117 -8.93 13.27 -1.27
C ALA A 117 -7.98 14.44 -1.35
N TYR A 118 -8.21 15.42 -0.48
CA TYR A 118 -7.42 16.65 -0.41
C TYR A 118 -6.82 16.72 0.99
N ASP A 119 -5.48 16.81 1.06
CA ASP A 119 -4.77 16.79 2.34
C ASP A 119 -5.21 15.64 3.26
N GLY A 120 -5.45 14.48 2.66
CA GLY A 120 -5.72 13.28 3.43
C GLY A 120 -7.18 13.05 3.80
N LYS A 121 -8.08 13.99 3.49
CA LYS A 121 -9.47 13.85 3.90
C LYS A 121 -10.36 13.74 2.67
N ASP A 122 -11.34 12.84 2.75
CA ASP A 122 -12.17 12.54 1.58
C ASP A 122 -12.80 13.81 1.03
N TYR A 123 -12.81 13.92 -0.29
CA TYR A 123 -13.23 15.17 -0.93
C TYR A 123 -14.43 14.96 -1.84
N ILE A 124 -14.30 14.15 -2.88
CA ILE A 124 -15.43 13.78 -3.73
C ILE A 124 -15.27 12.33 -4.14
N ALA A 125 -16.40 11.64 -4.27
CA ALA A 125 -16.36 10.24 -4.69
C ALA A 125 -17.50 9.94 -5.64
N LEU A 126 -17.19 9.20 -6.70
CA LEU A 126 -18.23 8.67 -7.58
C LEU A 126 -19.04 7.60 -6.86
N ASN A 127 -20.38 7.72 -6.89
CA ASN A 127 -21.23 6.79 -6.19
C ASN A 127 -21.24 5.44 -6.89
N GLU A 128 -21.68 4.41 -6.16
CA GLU A 128 -21.65 3.06 -6.71
C GLU A 128 -22.49 2.94 -7.99
N ASP A 129 -23.51 3.79 -8.15
CA ASP A 129 -24.32 3.79 -9.37
C ASP A 129 -23.54 4.24 -10.61
N LEU A 130 -22.31 4.72 -10.44
CA LEU A 130 -21.50 5.26 -11.53
C LEU A 130 -22.22 6.38 -12.29
N SER A 131 -23.08 7.12 -11.61
CA SER A 131 -23.77 8.22 -12.28
C SER A 131 -23.93 9.47 -11.42
N SER A 132 -23.52 9.44 -10.15
CA SER A 132 -23.72 10.55 -9.25
C SER A 132 -22.51 10.67 -8.33
N TRP A 133 -22.40 11.82 -7.66
CA TRP A 133 -21.24 12.14 -6.85
C TRP A 133 -21.65 12.38 -5.41
N THR A 134 -20.73 12.10 -4.50
CA THR A 134 -20.84 12.51 -3.10
C THR A 134 -19.71 13.49 -2.82
N ALA A 135 -20.08 14.72 -2.49
CA ALA A 135 -19.15 15.81 -2.22
C ALA A 135 -19.07 16.02 -0.71
N ALA A 136 -17.86 16.16 -0.18
CA ALA A 136 -17.69 16.24 1.27
C ALA A 136 -18.12 17.58 1.83
N ASP A 137 -18.03 18.66 1.05
CA ASP A 137 -18.27 20.01 1.57
C ASP A 137 -18.66 20.92 0.41
N THR A 138 -18.78 22.23 0.69
CA THR A 138 -19.16 23.18 -0.35
C THR A 138 -18.04 23.43 -1.36
N ALA A 139 -16.78 23.15 -1.00
CA ALA A 139 -15.72 23.18 -2.00
C ALA A 139 -15.90 22.04 -3.01
N ALA A 140 -16.11 20.82 -2.52
CA ALA A 140 -16.31 19.71 -3.45
C ALA A 140 -17.58 19.89 -4.28
N GLN A 141 -18.58 20.63 -3.75
CA GLN A 141 -19.78 20.89 -4.57
C GLN A 141 -19.44 21.69 -5.82
N ILE A 142 -18.40 22.53 -5.77
CA ILE A 142 -17.95 23.23 -6.97
C ILE A 142 -17.39 22.22 -7.97
N THR A 143 -16.52 21.34 -7.49
CA THR A 143 -16.00 20.29 -8.36
C THR A 143 -17.15 19.47 -8.96
N GLN A 144 -18.13 19.09 -8.13
CA GLN A 144 -19.24 18.28 -8.62
C GLN A 144 -19.99 18.99 -9.75
N ARG A 145 -20.29 20.28 -9.56
CA ARG A 145 -20.97 21.05 -10.61
C ARG A 145 -20.13 21.10 -11.87
N LYS A 146 -18.83 21.35 -11.75
CA LYS A 146 -17.97 21.31 -12.92
C LYS A 146 -18.07 19.96 -13.62
N TRP A 147 -17.97 18.88 -12.83
CA TRP A 147 -17.92 17.54 -13.42
C TRP A 147 -19.28 17.16 -14.00
N GLU A 148 -20.38 17.60 -13.39
CA GLU A 148 -21.68 17.37 -13.99
C GLU A 148 -21.77 18.07 -15.35
N ALA A 149 -21.28 19.31 -15.43
CA ALA A 149 -21.30 20.05 -16.68
C ALA A 149 -20.52 19.33 -17.78
N ALA A 150 -19.40 18.71 -17.43
CA ALA A 150 -18.59 18.01 -18.40
C ALA A 150 -18.99 16.53 -18.59
N ARG A 151 -20.06 16.08 -17.92
CA ARG A 151 -20.54 14.71 -18.07
C ARG A 151 -19.46 13.70 -17.72
N GLU A 152 -18.78 13.92 -16.60
CA GLU A 152 -17.67 13.05 -16.25
C GLU A 152 -18.16 11.68 -15.79
N ALA A 153 -19.26 11.65 -15.03
CA ALA A 153 -19.81 10.38 -14.55
C ALA A 153 -20.09 9.43 -15.71
N GLU A 154 -20.72 9.95 -16.77
CA GLU A 154 -20.96 9.17 -17.97
C GLU A 154 -19.66 8.52 -18.48
N GLN A 155 -18.59 9.31 -18.53
CA GLN A 155 -17.34 8.77 -19.06
C GLN A 155 -16.76 7.73 -18.12
N TRP A 156 -16.81 8.00 -16.81
CA TRP A 156 -16.36 7.01 -15.84
C TRP A 156 -17.13 5.70 -15.99
N ARG A 157 -18.46 5.76 -16.10
CA ARG A 157 -19.22 4.53 -16.24
C ARG A 157 -18.77 3.74 -17.47
N ALA A 158 -18.58 4.42 -18.59
CA ALA A 158 -18.14 3.72 -19.80
C ALA A 158 -16.77 3.09 -19.60
N TYR A 159 -15.86 3.80 -18.92
CA TYR A 159 -14.54 3.23 -18.69
C TYR A 159 -14.61 2.05 -17.72
N LEU A 160 -15.33 2.22 -16.61
CA LEU A 160 -15.33 1.21 -15.57
C LEU A 160 -15.98 -0.09 -16.04
N GLU A 161 -17.04 0.01 -16.86
CA GLU A 161 -17.72 -1.15 -17.40
C GLU A 161 -17.05 -1.71 -18.65
N GLY A 162 -16.26 -0.90 -19.34
CA GLY A 162 -15.67 -1.32 -20.59
C GLY A 162 -14.20 -1.65 -20.50
N LEU A 163 -13.34 -0.68 -20.83
CA LEU A 163 -11.91 -0.94 -20.98
C LEU A 163 -11.26 -1.34 -19.67
N CYS A 164 -11.69 -0.78 -18.54
CA CYS A 164 -11.11 -1.15 -17.25
C CYS A 164 -11.19 -2.66 -17.05
N VAL A 165 -12.37 -3.23 -17.26
CA VAL A 165 -12.58 -4.65 -17.07
C VAL A 165 -11.86 -5.45 -18.15
N GLU A 166 -11.94 -4.99 -19.40
CA GLU A 166 -11.34 -5.71 -20.51
C GLU A 166 -9.82 -5.77 -20.36
N TRP A 167 -9.19 -4.66 -20.00
CA TRP A 167 -7.75 -4.72 -19.81
C TRP A 167 -7.38 -5.48 -18.54
N LEU A 168 -8.22 -5.44 -17.50
CA LEU A 168 -7.90 -6.24 -16.32
C LEU A 168 -7.95 -7.73 -16.66
N ARG A 169 -8.97 -8.16 -17.42
CA ARG A 169 -9.02 -9.55 -17.86
CA ARG A 169 -9.02 -9.55 -17.85
C ARG A 169 -7.77 -9.91 -18.67
N ARG A 170 -7.30 -8.97 -19.48
CA ARG A 170 -6.11 -9.23 -20.30
C ARG A 170 -4.86 -9.37 -19.43
N TYR A 171 -4.70 -8.48 -18.45
CA TYR A 171 -3.60 -8.60 -17.51
C TYR A 171 -3.68 -9.91 -16.75
N LEU A 172 -4.89 -10.27 -16.28
CA LEU A 172 -5.03 -11.51 -15.51
C LEU A 172 -4.59 -12.73 -16.31
N GLU A 173 -4.84 -12.73 -17.61
CA GLU A 173 -4.40 -13.84 -18.46
C GLU A 173 -2.90 -13.77 -18.73
N ASN A 174 -2.38 -12.59 -19.05
CA ASN A 174 -0.94 -12.48 -19.33
C ASN A 174 -0.10 -12.79 -18.11
N GLY A 175 -0.60 -12.49 -16.90
CA GLY A 175 0.15 -12.77 -15.68
C GLY A 175 -0.38 -13.94 -14.84
N LYS A 176 -1.09 -14.87 -15.49
CA LYS A 176 -1.92 -15.83 -14.75
C LYS A 176 -1.10 -16.67 -13.78
N GLU A 177 0.15 -16.98 -14.12
CA GLU A 177 0.97 -17.85 -13.30
C GLU A 177 1.37 -17.23 -11.97
N THR A 178 1.21 -15.91 -11.83
CA THR A 178 1.40 -15.23 -10.55
C THR A 178 0.12 -14.58 -10.07
N LEU A 179 -0.58 -13.86 -10.95
CA LEU A 179 -1.78 -13.12 -10.55
C LEU A 179 -2.89 -14.07 -10.10
N GLN A 180 -2.99 -15.24 -10.73
CA GLN A 180 -3.99 -16.23 -10.39
C GLN A 180 -3.42 -17.37 -9.56
N ARG A 181 -2.36 -17.11 -8.81
CA ARG A 181 -1.78 -18.12 -7.94
C ARG A 181 -1.80 -17.55 -6.53
N ALA A 182 -2.49 -18.24 -5.63
CA ALA A 182 -2.46 -17.90 -4.21
C ALA A 182 -1.39 -18.74 -3.52
N ASP A 183 -0.46 -18.08 -2.85
CA ASP A 183 0.60 -18.77 -2.12
C ASP A 183 0.25 -18.78 -0.64
N PRO A 184 0.11 -19.95 -0.02
CA PRO A 184 -0.33 -20.01 1.38
C PRO A 184 0.76 -19.55 2.34
N PRO A 185 0.39 -19.17 3.56
CA PRO A 185 1.40 -18.80 4.54
C PRO A 185 2.19 -20.01 5.02
N LYS A 186 3.49 -19.81 5.23
CA LYS A 186 4.27 -20.68 6.11
C LYS A 186 4.09 -20.18 7.53
N THR A 187 3.77 -21.09 8.46
CA THR A 187 3.32 -20.68 9.78
C THR A 187 4.15 -21.32 10.87
N HIS A 188 4.13 -20.70 12.06
CA HIS A 188 4.59 -21.34 13.29
C HIS A 188 4.28 -20.44 14.49
N VAL A 189 4.45 -21.02 15.67
CA VAL A 189 4.16 -20.36 16.94
C VAL A 189 5.46 -20.32 17.73
N THR A 190 5.80 -19.14 18.23
CA THR A 190 6.98 -18.96 19.07
C THR A 190 6.54 -18.54 20.48
N HIS A 191 7.46 -18.72 21.43
CA HIS A 191 7.19 -18.57 22.86
C HIS A 191 8.26 -17.68 23.46
N HIS A 192 7.86 -16.54 24.01
CA HIS A 192 8.81 -15.57 24.56
C HIS A 192 8.43 -15.27 26.00
N PRO A 193 9.14 -15.84 26.98
CA PRO A 193 8.80 -15.56 28.39
C PRO A 193 8.95 -14.09 28.74
N ILE A 194 8.05 -13.62 29.60
CA ILE A 194 8.09 -12.26 30.14
C ILE A 194 8.61 -12.26 31.57
N SER A 195 8.10 -13.17 32.39
CA SER A 195 8.43 -13.33 33.79
C SER A 195 8.13 -14.76 34.16
N ASP A 196 8.25 -15.09 35.46
CA ASP A 196 7.76 -16.39 35.91
C ASP A 196 6.25 -16.51 35.79
N HIS A 197 5.56 -15.41 35.52
CA HIS A 197 4.12 -15.28 35.58
C HIS A 197 3.47 -15.42 34.20
N GLU A 198 4.07 -14.83 33.17
CA GLU A 198 3.47 -14.81 31.85
C GLU A 198 4.53 -15.02 30.77
N ALA A 199 4.05 -15.33 29.57
CA ALA A 199 4.89 -15.40 28.38
C ALA A 199 4.05 -14.97 27.18
N THR A 200 4.73 -14.65 26.09
CA THR A 200 4.08 -14.27 24.85
C THR A 200 4.08 -15.44 23.89
N LEU A 201 2.90 -15.78 23.39
CA LEU A 201 2.76 -16.67 22.26
C LEU A 201 2.55 -15.83 21.00
N ARG A 202 3.40 -16.02 20.01
CA ARG A 202 3.32 -15.27 18.77
C ARG A 202 3.10 -16.23 17.61
N CYS A 203 2.05 -15.96 16.83
CA CYS A 203 1.71 -16.77 15.67
C CYS A 203 2.13 -16.06 14.39
N TRP A 204 2.98 -16.71 13.60
CA TRP A 204 3.61 -16.12 12.41
C TRP A 204 2.98 -16.68 11.14
N ALA A 205 2.82 -15.82 10.13
CA ALA A 205 2.44 -16.21 8.78
C ALA A 205 3.39 -15.52 7.81
N LEU A 206 4.11 -16.31 7.00
CA LEU A 206 5.15 -15.79 6.13
C LEU A 206 4.96 -16.27 4.70
N GLY A 207 5.44 -15.47 3.76
CA GLY A 207 5.50 -15.80 2.36
C GLY A 207 4.17 -15.97 1.67
N PHE A 208 3.10 -15.31 2.12
CA PHE A 208 1.80 -15.56 1.51
C PHE A 208 1.44 -14.47 0.49
N TYR A 209 0.53 -14.84 -0.42
CA TYR A 209 -0.01 -13.92 -1.46
C TYR A 209 -1.39 -14.45 -1.86
N PRO A 210 -2.42 -13.59 -1.93
CA PRO A 210 -2.37 -12.14 -1.74
C PRO A 210 -2.29 -11.79 -0.27
N ALA A 211 -2.31 -10.48 0.02
CA ALA A 211 -2.09 -10.03 1.39
C ALA A 211 -3.27 -10.33 2.30
N GLU A 212 -4.47 -10.49 1.76
CA GLU A 212 -5.65 -10.77 2.59
C GLU A 212 -5.42 -12.02 3.45
N ILE A 213 -5.58 -11.88 4.77
CA ILE A 213 -5.32 -13.00 5.68
C ILE A 213 -6.05 -12.75 6.99
N THR A 214 -6.40 -13.84 7.68
CA THR A 214 -7.04 -13.75 8.99
C THR A 214 -6.23 -14.57 9.99
N LEU A 215 -5.80 -13.93 11.06
CA LEU A 215 -4.90 -14.52 12.05
C LEU A 215 -5.48 -14.23 13.43
N THR A 216 -5.96 -15.25 14.13
CA THR A 216 -6.64 -15.03 15.39
C THR A 216 -6.18 -16.03 16.44
N TRP A 217 -6.14 -15.56 17.69
CA TRP A 217 -5.81 -16.40 18.84
C TRP A 217 -7.09 -16.71 19.59
N GLN A 218 -7.23 -17.96 20.03
CA GLN A 218 -8.35 -18.39 20.85
C GLN A 218 -7.84 -19.01 22.15
N ARG A 219 -8.57 -18.76 23.23
CA ARG A 219 -8.34 -19.37 24.54
C ARG A 219 -9.59 -20.15 24.88
N ASP A 220 -9.46 -21.48 24.95
CA ASP A 220 -10.61 -22.37 25.11
C ASP A 220 -11.64 -22.13 24.00
N GLY A 221 -11.17 -21.94 22.78
CA GLY A 221 -12.06 -21.79 21.64
C GLY A 221 -12.83 -20.50 21.57
N GLU A 222 -12.51 -19.53 22.42
CA GLU A 222 -13.08 -18.18 22.38
C GLU A 222 -12.03 -17.21 21.87
N ASP A 223 -12.45 -16.29 21.00
CA ASP A 223 -11.49 -15.38 20.39
C ASP A 223 -10.99 -14.34 21.39
N GLN A 224 -9.71 -14.03 21.30
CA GLN A 224 -9.03 -13.07 22.18
C GLN A 224 -8.84 -11.74 21.49
N THR A 225 -9.90 -11.20 20.89
CA THR A 225 -9.77 -10.05 19.99
C THR A 225 -9.12 -8.87 20.68
N GLN A 226 -9.67 -8.46 21.83
CA GLN A 226 -9.12 -7.29 22.52
C GLN A 226 -7.78 -7.58 23.16
N ASP A 227 -7.41 -8.86 23.30
CA ASP A 227 -6.16 -9.22 23.95
C ASP A 227 -5.04 -9.51 22.97
N THR A 228 -5.34 -9.59 21.67
CA THR A 228 -4.35 -9.96 20.67
C THR A 228 -3.67 -8.71 20.11
N GLU A 229 -2.35 -8.73 20.03
CA GLU A 229 -1.62 -7.68 19.34
C GLU A 229 -1.41 -8.15 17.90
N LEU A 230 -2.06 -7.47 16.97
CA LEU A 230 -1.90 -7.73 15.54
C LEU A 230 -0.96 -6.69 14.96
N VAL A 231 0.00 -7.14 14.26
CA VAL A 231 0.87 -6.21 13.56
C VAL A 231 0.29 -6.03 12.16
N GLU A 232 0.60 -4.88 11.54
CA GLU A 232 0.11 -4.61 10.20
C GLU A 232 0.79 -5.52 9.20
N THR A 233 -0.02 -6.12 8.31
CA THR A 233 0.54 -6.96 7.26
C THR A 233 1.57 -6.18 6.48
N ARG A 234 2.74 -6.79 6.22
CA ARG A 234 3.86 -6.06 5.66
C ARG A 234 4.46 -6.81 4.48
N PRO A 235 5.04 -6.08 3.52
CA PRO A 235 5.60 -6.75 2.33
C PRO A 235 7.02 -7.27 2.56
N ALA A 236 7.27 -8.47 2.04
CA ALA A 236 8.58 -9.09 2.14
C ALA A 236 9.56 -8.58 1.10
N GLY A 237 9.05 -7.98 0.02
CA GLY A 237 9.87 -7.47 -1.06
C GLY A 237 9.98 -8.39 -2.25
N ASP A 238 9.47 -9.63 -2.13
CA ASP A 238 9.51 -10.62 -3.20
C ASP A 238 8.10 -10.96 -3.68
N ARG A 239 7.17 -10.00 -3.53
CA ARG A 239 5.75 -10.06 -3.87
C ARG A 239 4.90 -10.58 -2.71
N THR A 240 5.51 -11.30 -1.76
CA THR A 240 4.76 -11.92 -0.67
C THR A 240 4.72 -11.02 0.56
N PHE A 241 3.90 -11.45 1.52
CA PHE A 241 3.55 -10.65 2.69
C PHE A 241 3.78 -11.47 3.95
N GLN A 242 3.84 -10.74 5.08
CA GLN A 242 4.14 -11.28 6.39
C GLN A 242 3.16 -10.68 7.40
N LYS A 243 2.86 -11.44 8.44
CA LYS A 243 2.05 -10.91 9.53
C LYS A 243 2.28 -11.77 10.78
N TRP A 244 2.10 -11.17 11.95
CA TRP A 244 2.06 -11.97 13.17
C TRP A 244 1.00 -11.44 14.13
N ALA A 245 0.59 -12.33 15.02
CA ALA A 245 -0.37 -12.03 16.07
C ALA A 245 0.17 -12.61 17.37
N ALA A 246 0.04 -11.84 18.45
CA ALA A 246 0.63 -12.22 19.72
C ALA A 246 -0.38 -12.04 20.84
N VAL A 247 -0.26 -12.87 21.86
CA VAL A 247 -1.09 -12.82 23.05
C VAL A 247 -0.20 -13.18 24.24
N VAL A 248 -0.43 -12.54 25.39
CA VAL A 248 0.31 -12.83 26.61
C VAL A 248 -0.51 -13.80 27.44
N VAL A 249 0.10 -14.92 27.79
CA VAL A 249 -0.64 -16.01 28.42
C VAL A 249 -0.05 -16.31 29.78
N PRO A 250 -0.84 -16.78 30.74
CA PRO A 250 -0.28 -17.19 32.04
C PRO A 250 0.61 -18.40 31.86
N SER A 251 1.81 -18.34 32.45
CA SER A 251 2.76 -19.43 32.29
C SER A 251 2.15 -20.74 32.75
N GLY A 252 2.39 -21.80 31.98
CA GLY A 252 1.77 -23.07 32.22
C GLY A 252 0.44 -23.28 31.54
N GLU A 253 -0.22 -22.22 31.07
CA GLU A 253 -1.53 -22.33 30.43
C GLU A 253 -1.45 -22.30 28.90
N GLU A 254 -0.25 -22.51 28.33
CA GLU A 254 -0.04 -22.28 26.91
C GLU A 254 -0.93 -23.17 26.05
N GLN A 255 -1.25 -24.38 26.51
CA GLN A 255 -2.01 -25.29 25.66
C GLN A 255 -3.50 -24.96 25.62
N ARG A 256 -3.96 -23.99 26.39
CA ARG A 256 -5.34 -23.55 26.21
C ARG A 256 -5.51 -22.69 24.97
N TYR A 257 -4.42 -22.25 24.35
CA TYR A 257 -4.45 -21.25 23.29
C TYR A 257 -4.21 -21.88 21.92
N THR A 258 -5.05 -21.50 20.96
CA THR A 258 -4.90 -21.94 19.58
C THR A 258 -4.84 -20.74 18.66
N CYS A 259 -3.93 -20.80 17.68
CA CYS A 259 -3.85 -19.81 16.62
C CYS A 259 -4.57 -20.33 15.40
N HIS A 260 -5.39 -19.49 14.79
CA HIS A 260 -6.23 -19.88 13.65
C HIS A 260 -5.88 -19.02 12.44
N VAL A 261 -5.67 -19.67 11.31
CA VAL A 261 -5.13 -19.03 10.11
C VAL A 261 -6.05 -19.31 8.93
N GLN A 262 -6.53 -18.26 8.28
CA GLN A 262 -7.31 -18.38 7.05
C GLN A 262 -6.62 -17.63 5.92
N HIS A 263 -6.42 -18.32 4.80
CA HIS A 263 -5.86 -17.69 3.62
C HIS A 263 -6.31 -18.47 2.40
N GLU A 264 -6.55 -17.74 1.30
CA GLU A 264 -7.01 -18.34 0.04
C GLU A 264 -6.05 -19.43 -0.45
N GLY A 265 -4.75 -19.30 -0.18
CA GLY A 265 -3.82 -20.32 -0.63
C GLY A 265 -3.90 -21.62 0.15
N LEU A 266 -4.65 -21.64 1.26
CA LEU A 266 -4.66 -22.79 2.14
C LEU A 266 -5.75 -23.76 1.70
N PRO A 267 -5.44 -25.05 1.54
CA PRO A 267 -6.51 -26.03 1.30
C PRO A 267 -7.56 -26.02 2.40
N LYS A 268 -7.13 -26.01 3.65
CA LYS A 268 -8.02 -25.91 4.81
C LYS A 268 -7.48 -24.86 5.76
N PRO A 269 -8.36 -24.14 6.48
CA PRO A 269 -7.88 -23.27 7.56
C PRO A 269 -7.08 -24.07 8.57
N LEU A 270 -6.10 -23.41 9.17
CA LEU A 270 -5.16 -24.06 10.07
C LEU A 270 -5.47 -23.73 11.52
N THR A 271 -5.20 -24.68 12.40
CA THR A 271 -5.18 -24.46 13.84
C THR A 271 -3.81 -24.89 14.35
N LEU A 272 -3.14 -24.00 15.07
CA LEU A 272 -1.77 -24.20 15.52
C LEU A 272 -1.67 -23.98 17.02
N ARG A 273 -0.82 -24.76 17.66
CA ARG A 273 -0.48 -24.61 19.07
C ARG A 273 1.02 -24.42 19.20
N TRP A 274 1.45 -23.92 20.34
CA TRP A 274 2.86 -23.98 20.68
C TRP A 274 3.29 -25.42 20.88
N GLU A 275 4.42 -25.79 20.29
CA GLU A 275 4.97 -27.13 20.36
C GLU A 275 6.35 -26.99 20.99
N PRO A 276 6.47 -27.11 22.31
CA PRO A 276 7.78 -26.98 22.95
C PRO A 276 8.67 -28.17 22.62
N MET B 1 -4.72 21.61 9.24
CA MET B 1 -4.37 20.34 8.60
C MET B 1 -4.20 19.23 9.62
N ILE B 2 -4.60 18.03 9.24
CA ILE B 2 -4.41 16.83 10.06
C ILE B 2 -3.31 16.00 9.42
N GLN B 3 -2.25 15.74 10.18
CA GLN B 3 -1.14 14.91 9.77
C GLN B 3 -1.11 13.64 10.62
N ARG B 4 -0.42 12.62 10.11
CA ARG B 4 -0.42 11.29 10.71
C ARG B 4 0.99 10.75 10.87
N THR B 5 1.28 10.09 12.03
CA THR B 5 2.68 9.77 12.16
C THR B 5 2.97 8.37 11.61
N PRO B 6 4.16 8.10 11.08
CA PRO B 6 4.41 6.79 10.46
C PRO B 6 4.62 5.64 11.44
N LYS B 7 3.97 4.53 11.15
CA LYS B 7 4.32 3.25 11.76
C LYS B 7 5.59 2.70 11.13
N ILE B 8 6.39 1.99 11.92
CA ILE B 8 7.70 1.50 11.49
C ILE B 8 7.82 0.04 11.88
N GLN B 9 8.30 -0.78 10.94
CA GLN B 9 8.62 -2.18 11.18
C GLN B 9 9.93 -2.49 10.51
N VAL B 10 10.85 -3.10 11.27
CA VAL B 10 12.17 -3.49 10.79
C VAL B 10 12.29 -5.01 10.91
N TYR B 11 12.67 -5.67 9.81
CA TYR B 11 12.55 -7.11 9.69
C TYR B 11 13.28 -7.52 8.42
N SER B 12 13.52 -8.82 8.28
CA SER B 12 14.21 -9.35 7.12
C SER B 12 13.22 -10.08 6.19
N ARG B 13 13.63 -10.23 4.93
CA ARG B 13 12.76 -10.88 3.95
C ARG B 13 12.56 -12.35 4.30
N HIS B 14 13.66 -13.06 4.59
CA HIS B 14 13.69 -14.45 5.04
C HIS B 14 14.18 -14.53 6.48
N PRO B 15 13.88 -15.62 7.20
CA PRO B 15 14.39 -15.74 8.58
C PRO B 15 15.91 -15.72 8.60
N ALA B 16 16.46 -15.10 9.65
CA ALA B 16 17.86 -14.71 9.66
C ALA B 16 18.72 -15.77 10.34
N GLU B 17 19.83 -16.12 9.68
CA GLU B 17 20.91 -16.87 10.30
C GLU B 17 22.23 -16.28 9.80
N ASN B 18 23.18 -16.13 10.72
CA ASN B 18 24.40 -15.40 10.43
C ASN B 18 25.15 -16.04 9.27
N GLY B 19 25.65 -15.20 8.37
CA GLY B 19 26.53 -15.61 7.30
C GLY B 19 25.87 -15.83 5.94
N LYS B 20 24.54 -15.79 5.86
CA LYS B 20 23.85 -15.92 4.57
C LYS B 20 23.27 -14.58 4.14
N SER B 21 23.08 -14.43 2.83
CA SER B 21 22.55 -13.19 2.29
C SER B 21 21.03 -13.14 2.46
N ASN B 22 20.53 -11.94 2.76
CA ASN B 22 19.12 -11.69 3.03
C ASN B 22 18.81 -10.28 2.52
N PHE B 23 17.61 -9.79 2.82
CA PHE B 23 17.27 -8.40 2.58
C PHE B 23 16.79 -7.82 3.89
N LEU B 24 17.33 -6.64 4.25
CA LEU B 24 16.87 -5.91 5.41
C LEU B 24 15.76 -4.96 4.98
N ASN B 25 14.63 -5.00 5.67
CA ASN B 25 13.44 -4.27 5.29
C ASN B 25 13.08 -3.27 6.37
N CYS B 26 12.72 -2.04 5.97
CA CYS B 26 12.12 -1.06 6.86
C CYS B 26 10.85 -0.56 6.21
N TYR B 27 9.71 -0.91 6.79
CA TYR B 27 8.40 -0.62 6.21
C TYR B 27 7.77 0.49 7.02
N VAL B 28 7.52 1.62 6.38
CA VAL B 28 6.88 2.77 7.02
C VAL B 28 5.51 2.95 6.39
N SER B 29 4.49 3.13 7.23
CA SER B 29 3.12 3.13 6.73
C SER B 29 2.26 4.01 7.62
N GLY B 30 1.03 4.25 7.18
CA GLY B 30 0.09 5.03 7.98
C GLY B 30 0.36 6.53 8.09
N PHE B 31 1.20 7.09 7.23
CA PHE B 31 1.58 8.48 7.43
C PHE B 31 0.99 9.42 6.37
N HIS B 32 1.01 10.71 6.70
CA HIS B 32 0.45 11.80 5.90
C HIS B 32 0.95 13.12 6.48
N PRO B 33 1.58 14.00 5.68
CA PRO B 33 1.82 13.87 4.24
C PRO B 33 2.96 12.93 3.90
N SER B 34 3.30 12.89 2.62
CA SER B 34 4.08 11.78 2.06
C SER B 34 5.59 11.98 2.14
N ASP B 35 6.08 13.21 2.32
CA ASP B 35 7.52 13.41 2.49
C ASP B 35 8.00 12.70 3.75
N ILE B 36 9.09 11.94 3.63
CA ILE B 36 9.60 11.17 4.76
C ILE B 36 11.07 10.91 4.53
N GLU B 37 11.85 10.89 5.61
CA GLU B 37 13.27 10.53 5.57
C GLU B 37 13.47 9.19 6.25
N VAL B 38 14.04 8.22 5.53
CA VAL B 38 14.22 6.87 6.05
C VAL B 38 15.63 6.40 5.71
N ASP B 39 16.41 6.09 6.75
CA ASP B 39 17.71 5.47 6.59
C ASP B 39 17.77 4.12 7.28
N LEU B 40 18.48 3.18 6.65
CA LEU B 40 18.88 1.94 7.30
C LEU B 40 20.28 2.12 7.90
N LEU B 41 20.40 1.85 9.19
CA LEU B 41 21.65 2.00 9.92
C LEU B 41 22.32 0.65 10.16
N LYS B 42 23.65 0.64 10.05
CA LYS B 42 24.45 -0.53 10.43
C LYS B 42 25.42 -0.10 11.51
N ASN B 43 25.17 -0.53 12.76
CA ASN B 43 25.96 -0.14 13.91
C ASN B 43 26.08 1.39 14.03
N GLY B 44 25.06 2.11 13.56
CA GLY B 44 24.98 3.54 13.70
C GLY B 44 25.20 4.33 12.41
N GLU B 45 25.86 3.73 11.42
CA GLU B 45 26.23 4.42 10.20
C GLU B 45 25.22 4.12 9.09
N ARG B 46 24.75 5.18 8.42
CA ARG B 46 23.80 5.03 7.34
C ARG B 46 24.35 4.15 6.22
N ILE B 47 23.54 3.18 5.77
CA ILE B 47 23.88 2.32 4.64
C ILE B 47 23.60 3.07 3.35
N GLU B 48 24.41 2.85 2.31
CA GLU B 48 24.17 3.54 1.05
C GLU B 48 23.64 2.55 0.00
N LYS B 49 23.22 3.10 -1.14
CA LYS B 49 22.52 2.39 -2.23
C LYS B 49 21.28 1.61 -1.73
N VAL B 50 20.64 2.07 -0.64
CA VAL B 50 19.32 1.58 -0.26
C VAL B 50 18.30 1.98 -1.31
N GLU B 51 17.41 1.06 -1.65
CA GLU B 51 16.33 1.32 -2.59
C GLU B 51 15.00 1.39 -1.86
N HIS B 52 13.94 1.77 -2.58
CA HIS B 52 12.61 1.82 -1.98
C HIS B 52 11.54 1.70 -3.06
N SER B 53 10.33 1.34 -2.62
CA SER B 53 9.19 1.11 -3.50
C SER B 53 8.59 2.43 -3.98
N ASP B 54 7.77 2.34 -5.03
CA ASP B 54 7.07 3.51 -5.55
C ASP B 54 5.96 3.94 -4.59
N LEU B 55 5.81 5.26 -4.44
CA LEU B 55 4.87 5.81 -3.46
C LEU B 55 3.44 5.38 -3.78
N SER B 56 2.76 4.84 -2.77
CA SER B 56 1.36 4.48 -2.90
C SER B 56 0.70 4.70 -1.54
N PHE B 57 -0.60 4.40 -1.47
CA PHE B 57 -1.34 4.65 -0.24
C PHE B 57 -2.45 3.63 -0.06
N SER B 58 -2.91 3.55 1.19
CA SER B 58 -3.96 2.65 1.61
C SER B 58 -5.33 3.28 1.40
N LYS B 59 -6.37 2.52 1.73
CA LYS B 59 -7.75 2.96 1.55
C LYS B 59 -8.09 4.15 2.43
N ASP B 60 -7.41 4.30 3.56
CA ASP B 60 -7.62 5.47 4.41
C ASP B 60 -6.75 6.65 3.98
N TRP B 61 -6.15 6.60 2.79
CA TRP B 61 -5.35 7.65 2.16
C TRP B 61 -3.94 7.78 2.74
N SER B 62 -3.60 7.09 3.83
CA SER B 62 -2.25 7.16 4.36
C SER B 62 -1.27 6.41 3.45
N PHE B 63 -0.05 6.93 3.39
CA PHE B 63 1.01 6.45 2.50
C PHE B 63 1.77 5.29 3.12
N TYR B 64 2.43 4.52 2.27
CA TYR B 64 3.31 3.45 2.72
C TYR B 64 4.46 3.31 1.74
N LEU B 65 5.62 2.97 2.28
CA LEU B 65 6.84 2.77 1.51
C LEU B 65 7.64 1.65 2.15
N LEU B 66 8.28 0.83 1.31
CA LEU B 66 9.24 -0.17 1.75
C LEU B 66 10.66 0.27 1.35
N TYR B 67 11.51 0.48 2.35
CA TYR B 67 12.94 0.70 2.15
C TYR B 67 13.67 -0.62 2.42
N TYR B 68 14.59 -1.00 1.54
CA TYR B 68 15.20 -2.31 1.63
C TYR B 68 16.63 -2.28 1.07
N THR B 69 17.46 -3.18 1.57
CA THR B 69 18.81 -3.37 1.04
C THR B 69 19.25 -4.83 1.27
N GLU B 70 19.99 -5.37 0.30
CA GLU B 70 20.60 -6.68 0.50
C GLU B 70 21.66 -6.58 1.59
N PHE B 71 21.76 -7.63 2.42
CA PHE B 71 22.75 -7.62 3.49
C PHE B 71 23.07 -9.06 3.90
N THR B 72 23.90 -9.18 4.93
CA THR B 72 24.33 -10.49 5.46
C THR B 72 24.52 -10.36 6.96
N PRO B 73 23.59 -10.87 7.75
CA PRO B 73 23.67 -10.67 9.20
C PRO B 73 24.84 -11.45 9.81
N THR B 74 25.31 -10.94 10.94
CA THR B 74 26.30 -11.60 11.78
C THR B 74 25.87 -11.42 13.23
N GLU B 75 26.47 -12.22 14.12
CA GLU B 75 26.05 -12.16 15.52
C GLU B 75 26.42 -10.84 16.18
N LYS B 76 27.36 -10.09 15.62
CA LYS B 76 27.80 -8.83 16.21
C LYS B 76 27.11 -7.62 15.61
N ASP B 77 26.92 -7.59 14.28
CA ASP B 77 26.38 -6.42 13.60
C ASP B 77 24.98 -6.09 14.10
N GLU B 78 24.73 -4.80 14.33
CA GLU B 78 23.41 -4.33 14.74
C GLU B 78 22.81 -3.49 13.62
N TYR B 79 21.50 -3.63 13.45
CA TYR B 79 20.78 -2.90 12.41
C TYR B 79 19.61 -2.15 13.01
N ALA B 80 19.31 -1.01 12.43
CA ALA B 80 18.14 -0.24 12.82
C ALA B 80 17.67 0.57 11.62
N CYS B 81 16.51 1.19 11.78
CA CYS B 81 15.92 2.07 10.79
C CYS B 81 15.68 3.42 11.43
N ARG B 82 16.11 4.50 10.77
CA ARG B 82 15.93 5.85 11.29
C ARG B 82 14.94 6.61 10.41
N VAL B 83 13.87 7.12 11.02
CA VAL B 83 12.75 7.71 10.30
C VAL B 83 12.53 9.13 10.81
N ASN B 84 12.45 10.09 9.88
CA ASN B 84 11.97 11.42 10.23
C ASN B 84 10.81 11.84 9.34
N HIS B 85 9.94 12.66 9.90
CA HIS B 85 8.65 13.05 9.33
C HIS B 85 8.16 14.26 10.11
N VAL B 86 7.38 15.13 9.44
CA VAL B 86 6.95 16.39 10.04
C VAL B 86 6.27 16.19 11.38
N THR B 87 5.65 15.04 11.59
CA THR B 87 5.03 14.74 12.88
C THR B 87 6.02 14.37 13.97
N LEU B 88 7.32 14.25 13.69
CA LEU B 88 8.29 13.72 14.65
C LEU B 88 9.19 14.84 15.17
N SER B 89 9.21 15.02 16.49
CA SER B 89 10.14 15.96 17.12
C SER B 89 11.57 15.75 16.62
N GLN B 90 12.12 14.57 16.89
CA GLN B 90 13.43 14.18 16.38
C GLN B 90 13.27 12.88 15.60
N PRO B 91 14.29 12.42 14.87
CA PRO B 91 14.16 11.14 14.16
C PRO B 91 13.97 9.99 15.13
N LYS B 92 13.14 9.03 14.75
CA LYS B 92 12.88 7.84 15.56
C LYS B 92 13.77 6.70 15.07
N ILE B 93 14.33 5.95 16.01
CA ILE B 93 15.18 4.81 15.71
C ILE B 93 14.48 3.55 16.16
N VAL B 94 14.35 2.59 15.25
CA VAL B 94 13.77 1.28 15.57
C VAL B 94 14.82 0.24 15.23
N LYS B 95 15.30 -0.46 16.26
CA LYS B 95 16.31 -1.47 16.03
C LYS B 95 15.69 -2.73 15.44
N TRP B 96 16.46 -3.42 14.60
CA TRP B 96 16.03 -4.70 14.07
C TRP B 96 16.09 -5.74 15.19
N ASP B 97 14.93 -6.15 15.68
CA ASP B 97 14.83 -7.24 16.64
C ASP B 97 14.95 -8.57 15.91
N ARG B 98 15.92 -9.40 16.31
CA ARG B 98 16.11 -10.68 15.64
C ARG B 98 14.90 -11.59 15.84
N ASP B 99 14.69 -12.03 17.09
CA ASP B 99 13.52 -12.81 17.49
C ASP B 99 12.35 -11.87 17.80
N MET B 100 11.77 -11.32 16.73
CA MET B 100 10.85 -10.16 16.84
C MET B 100 9.60 -10.40 17.68
N HIS C 1 -4.55 -0.19 -17.78
CA HIS C 1 -4.90 0.74 -18.83
C HIS C 1 -5.59 1.97 -18.22
N LEU C 2 -4.87 3.10 -18.19
CA LEU C 2 -5.36 4.29 -17.49
C LEU C 2 -6.69 4.79 -18.03
N ALA C 3 -7.45 5.43 -17.15
CA ALA C 3 -8.54 6.27 -17.59
C ALA C 3 -7.99 7.46 -18.36
N SER C 4 -8.70 7.86 -19.41
CA SER C 4 -8.32 9.05 -20.15
C SER C 4 -8.23 10.25 -19.21
N SER C 5 -7.37 11.19 -19.57
CA SER C 5 -7.21 12.39 -18.77
C SER C 5 -8.50 13.19 -18.76
N GLY C 6 -8.96 13.59 -17.57
CA GLY C 6 -10.25 14.23 -17.44
C GLY C 6 -10.18 15.65 -16.93
N HIS C 7 -11.32 16.20 -16.51
CA HIS C 7 -11.36 17.60 -16.11
CA HIS C 7 -11.40 17.60 -16.09
C HIS C 7 -10.71 17.80 -14.74
N SER C 8 -10.10 18.98 -14.55
CA SER C 8 -9.54 19.31 -13.25
C SER C 8 -10.65 19.46 -12.20
N LEU C 9 -10.25 19.36 -10.94
CA LEU C 9 -11.19 19.48 -9.85
C LEU C 9 -11.64 20.94 -9.68
#